data_6OKH
#
_entry.id   6OKH
#
_cell.length_a   74.880
_cell.length_b   101.120
_cell.length_c   108.660
_cell.angle_alpha   90.000
_cell.angle_beta   90.000
_cell.angle_gamma   90.000
#
_symmetry.space_group_name_H-M   'C 2 2 21'
#
loop_
_entity.id
_entity.type
_entity.pdbx_description
1 polymer 'Uncharacterized protein'
2 non-polymer 'MAGNESIUM ION'
3 water water
#
_entity_poly.entity_id   1
_entity_poly.type   'polypeptide(L)'
_entity_poly.pdbx_seq_one_letter_code
;MAHHHHHHMPRIDLKTDKDFAELPEGTLAELLDGEIFMVPAPIPEHQRVIRKFSNALSTFVEKNKLGEVFFSPIDVYLDE
HNVVQPDLIFISKARNTIIREKRIEGAPDWIAEILSEGNAYHDLKTKKRLYEKHGVAEYWIVDPMERSVEIYQNGNSGFT
LLASADSGTVVSKMLDGFSLEIQTLFTKPL
;
_entity_poly.pdbx_strand_id   A,B
#
# COMPACT_ATOMS: atom_id res chain seq x y z
N ILE A 12 20.56 14.50 -23.84
CA ILE A 12 19.82 14.83 -25.06
C ILE A 12 18.66 13.85 -25.26
N ASP A 13 18.77 12.69 -24.62
CA ASP A 13 17.77 11.63 -24.75
C ASP A 13 17.05 11.39 -23.42
N LEU A 14 16.90 12.44 -22.61
CA LEU A 14 16.16 12.30 -21.36
C LEU A 14 14.74 11.87 -21.62
N LYS A 15 14.25 10.93 -20.81
CA LYS A 15 12.85 10.55 -20.85
C LYS A 15 12.03 11.56 -20.06
N THR A 16 10.75 11.66 -20.41
CA THR A 16 9.87 12.66 -19.83
C THR A 16 8.65 11.97 -19.22
N ASP A 17 7.84 12.77 -18.54
CA ASP A 17 6.57 12.28 -18.00
CA ASP A 17 6.62 12.17 -18.00
C ASP A 17 5.69 11.71 -19.10
N LYS A 18 5.80 12.23 -20.33
CA LYS A 18 5.01 11.68 -21.42
C LYS A 18 5.47 10.27 -21.75
N ASP A 19 6.79 10.05 -21.81
CA ASP A 19 7.32 8.69 -21.95
C ASP A 19 6.86 7.82 -20.79
N PHE A 20 6.92 8.35 -19.56
CA PHE A 20 6.51 7.59 -18.39
C PHE A 20 5.05 7.15 -18.50
N ALA A 21 4.21 8.01 -19.05
CA ALA A 21 2.80 7.66 -19.23
C ALA A 21 2.60 6.61 -20.30
N GLU A 22 3.53 6.47 -21.24
CA GLU A 22 3.36 5.52 -22.35
C GLU A 22 3.86 4.12 -22.00
N LEU A 23 4.35 3.90 -20.79
CA LEU A 23 4.76 2.56 -20.38
C LEU A 23 3.56 1.61 -20.42
N PRO A 24 3.79 0.34 -20.74
CA PRO A 24 2.67 -0.60 -20.86
C PRO A 24 1.91 -0.76 -19.55
N GLU A 25 0.60 -0.94 -19.68
CA GLU A 25 -0.25 -1.21 -18.54
C GLU A 25 0.34 -2.35 -17.71
N GLY A 26 0.29 -2.18 -16.39
CA GLY A 26 0.88 -3.16 -15.49
C GLY A 26 2.34 -2.94 -15.16
N THR A 27 2.91 -1.79 -15.53
CA THR A 27 4.29 -1.46 -15.24
C THR A 27 4.36 -0.56 -14.01
N LEU A 28 5.23 -0.93 -13.07
CA LEU A 28 5.52 -0.13 -11.88
C LEU A 28 6.94 0.41 -12.05
N ALA A 29 7.04 1.71 -12.28
CA ALA A 29 8.34 2.29 -12.57
C ALA A 29 8.42 3.67 -11.94
N GLU A 30 9.63 4.22 -11.93
CA GLU A 30 9.82 5.61 -11.55
C GLU A 30 10.70 6.27 -12.59
N LEU A 31 10.50 7.58 -12.72
CA LEU A 31 11.22 8.44 -13.65
C LEU A 31 12.08 9.37 -12.80
N LEU A 32 13.39 9.18 -12.82
CA LEU A 32 14.30 9.94 -11.96
C LEU A 32 15.33 10.60 -12.85
N ASP A 33 15.39 11.93 -12.82
CA ASP A 33 16.38 12.68 -13.61
C ASP A 33 16.35 12.26 -15.08
N GLY A 34 15.16 11.97 -15.60
CA GLY A 34 15.01 11.65 -17.01
C GLY A 34 15.35 10.22 -17.40
N GLU A 35 15.44 9.31 -16.43
CA GLU A 35 15.70 7.92 -16.71
C GLU A 35 14.62 7.09 -16.05
N ILE A 36 14.10 6.09 -16.74
CA ILE A 36 13.03 5.26 -16.17
C ILE A 36 13.63 4.03 -15.51
N PHE A 37 13.23 3.77 -14.27
CA PHE A 37 13.71 2.63 -13.50
C PHE A 37 12.54 1.73 -13.13
N MET A 38 12.65 0.45 -13.45
CA MET A 38 11.69 -0.52 -12.94
C MET A 38 11.90 -0.65 -11.42
N VAL A 39 10.81 -0.64 -10.67
CA VAL A 39 10.86 -0.89 -9.23
C VAL A 39 10.55 -2.35 -9.00
N PRO A 40 11.38 -3.09 -8.27
CA PRO A 40 11.08 -4.50 -8.01
C PRO A 40 9.92 -4.63 -7.06
N ALA A 41 9.20 -5.72 -7.18
CA ALA A 41 8.09 -5.99 -6.28
C ALA A 41 8.58 -6.02 -4.83
N PRO A 42 7.85 -5.41 -3.91
CA PRO A 42 8.28 -5.43 -2.50
C PRO A 42 8.02 -6.79 -1.86
N ILE A 43 8.78 -7.06 -0.79
CA ILE A 43 8.59 -8.31 -0.04
C ILE A 43 7.68 -8.05 1.16
N PRO A 44 7.11 -9.10 1.77
CA PRO A 44 6.17 -8.88 2.87
C PRO A 44 6.69 -7.98 3.99
N GLU A 45 7.97 -8.07 4.37
CA GLU A 45 8.43 -7.24 5.49
CA GLU A 45 8.43 -7.24 5.49
C GLU A 45 8.36 -5.77 5.13
N HIS A 46 8.66 -5.43 3.87
CA HIS A 46 8.50 -4.04 3.42
C HIS A 46 7.05 -3.60 3.57
N GLN A 47 6.11 -4.45 3.13
CA GLN A 47 4.70 -4.11 3.25
C GLN A 47 4.24 -4.06 4.71
N ARG A 48 4.80 -4.90 5.57
CA ARG A 48 4.47 -4.83 6.99
C ARG A 48 4.85 -3.46 7.56
N VAL A 49 6.06 -2.99 7.24
CA VAL A 49 6.52 -1.72 7.78
C VAL A 49 5.62 -0.57 7.30
N ILE A 50 5.24 -0.55 6.02
CA ILE A 50 4.37 0.52 5.53
C ILE A 50 3.01 0.45 6.21
N ARG A 51 2.50 -0.75 6.43
CA ARG A 51 1.20 -0.88 7.07
C ARG A 51 1.27 -0.30 8.48
N LYS A 52 2.30 -0.65 9.23
CA LYS A 52 2.41 -0.16 10.61
C LYS A 52 2.61 1.35 10.63
N PHE A 53 3.47 1.87 9.76
CA PHE A 53 3.69 3.31 9.72
C PHE A 53 2.42 4.05 9.30
N SER A 54 1.78 3.59 8.21
CA SER A 54 0.56 4.25 7.76
CA SER A 54 0.57 4.26 7.76
C SER A 54 -0.51 4.27 8.84
N ASN A 55 -0.67 3.16 9.59
CA ASN A 55 -1.66 3.12 10.67
C ASN A 55 -1.35 4.21 11.70
N ALA A 56 -0.07 4.31 12.12
CA ALA A 56 0.28 5.30 13.14
C ALA A 56 0.11 6.71 12.61
N LEU A 57 0.59 6.97 11.39
CA LEU A 57 0.48 8.30 10.80
C LEU A 57 -0.97 8.68 10.54
N SER A 58 -1.75 7.78 9.91
CA SER A 58 -3.16 8.05 9.62
C SER A 58 -3.95 8.39 10.88
N THR A 59 -3.72 7.64 11.97
CA THR A 59 -4.46 7.91 13.20
C THR A 59 -4.18 9.32 13.71
N PHE A 60 -2.91 9.74 13.68
CA PHE A 60 -2.57 11.08 14.11
C PHE A 60 -3.11 12.14 13.16
N VAL A 61 -3.01 11.92 11.85
CA VAL A 61 -3.50 12.90 10.88
C VAL A 61 -5.01 13.05 10.99
N GLU A 62 -5.71 11.94 11.16
CA GLU A 62 -7.18 11.99 11.24
C GLU A 62 -7.64 12.64 12.54
N LYS A 63 -6.98 12.33 13.65
CA LYS A 63 -7.36 12.91 14.93
C LYS A 63 -7.22 14.42 14.91
N ASN A 64 -6.21 14.94 14.22
CA ASN A 64 -5.95 16.36 14.20
C ASN A 64 -6.38 17.02 12.90
N LYS A 65 -7.11 16.29 12.05
CA LYS A 65 -7.66 16.81 10.80
C LYS A 65 -6.62 17.52 9.94
N LEU A 66 -5.43 16.94 9.86
CA LEU A 66 -4.30 17.63 9.25
C LEU A 66 -4.26 17.53 7.73
N GLY A 67 -5.01 16.60 7.15
CA GLY A 67 -4.87 16.38 5.72
C GLY A 67 -5.02 14.92 5.34
N GLU A 68 -4.25 14.45 4.36
CA GLU A 68 -4.50 13.13 3.79
C GLU A 68 -3.23 12.33 3.69
N VAL A 69 -3.34 11.02 3.97
CA VAL A 69 -2.22 10.07 3.86
C VAL A 69 -2.48 9.17 2.67
N PHE A 70 -1.45 8.90 1.87
CA PHE A 70 -1.52 7.89 0.83
C PHE A 70 -0.30 6.97 0.93
N PHE A 71 -0.43 5.74 0.45
CA PHE A 71 0.74 4.90 0.27
C PHE A 71 0.73 4.30 -1.13
N SER A 72 1.89 3.73 -1.46
CA SER A 72 2.12 3.23 -2.81
CA SER A 72 2.13 3.22 -2.81
C SER A 72 1.18 2.07 -3.11
N PRO A 73 0.85 1.84 -4.40
CA PRO A 73 1.27 2.64 -5.58
C PRO A 73 0.49 3.92 -5.78
N ILE A 74 1.20 5.03 -5.90
CA ILE A 74 0.60 6.30 -6.29
C ILE A 74 1.67 7.14 -6.95
N ASP A 75 1.36 7.69 -8.12
CA ASP A 75 2.30 8.51 -8.86
C ASP A 75 2.34 9.91 -8.28
N VAL A 76 3.54 10.43 -8.11
CA VAL A 76 3.75 11.81 -7.67
C VAL A 76 4.59 12.51 -8.73
N TYR A 77 3.96 13.37 -9.52
CA TYR A 77 4.66 14.14 -10.53
C TYR A 77 5.34 15.32 -9.86
N LEU A 78 6.66 15.43 -10.03
CA LEU A 78 7.42 16.57 -9.54
C LEU A 78 7.82 17.53 -10.67
N ASP A 79 8.40 17.02 -11.75
CA ASP A 79 8.56 17.85 -12.95
C ASP A 79 8.62 16.95 -14.18
N GLU A 80 8.90 17.53 -15.34
CA GLU A 80 8.80 16.77 -16.58
C GLU A 80 9.72 15.56 -16.59
N HIS A 81 10.78 15.58 -15.77
CA HIS A 81 11.77 14.51 -15.78
C HIS A 81 11.76 13.69 -14.50
N ASN A 82 10.76 13.89 -13.63
CA ASN A 82 10.77 13.24 -12.32
C ASN A 82 9.35 12.90 -11.92
N VAL A 83 9.03 11.61 -11.91
CA VAL A 83 7.77 11.09 -11.40
C VAL A 83 8.12 9.91 -10.50
N VAL A 84 7.73 9.99 -9.24
CA VAL A 84 8.17 9.02 -8.25
C VAL A 84 6.95 8.34 -7.64
N GLN A 85 7.19 7.19 -6.99
CA GLN A 85 6.12 6.46 -6.31
C GLN A 85 6.56 6.22 -4.87
N PRO A 86 6.43 7.21 -4.02
CA PRO A 86 6.93 7.08 -2.64
C PRO A 86 6.08 6.09 -1.85
N ASP A 87 6.71 5.52 -0.82
CA ASP A 87 6.00 4.50 -0.05
C ASP A 87 4.87 5.11 0.77
N LEU A 88 5.08 6.28 1.37
CA LEU A 88 4.08 6.85 2.27
C LEU A 88 4.18 8.36 2.21
N ILE A 89 3.03 9.04 2.00
CA ILE A 89 3.05 10.49 1.87
C ILE A 89 1.94 11.09 2.71
N PHE A 90 2.12 12.34 3.11
CA PHE A 90 1.09 13.10 3.78
C PHE A 90 0.97 14.44 3.05
N ILE A 91 -0.26 14.86 2.78
CA ILE A 91 -0.57 16.08 2.05
C ILE A 91 -1.47 16.90 2.94
N SER A 92 -1.02 18.09 3.29
CA SER A 92 -1.76 18.91 4.24
C SER A 92 -3.05 19.42 3.61
N LYS A 93 -4.01 19.78 4.47
CA LYS A 93 -5.23 20.38 3.95
C LYS A 93 -4.93 21.59 3.08
N ALA A 94 -3.95 22.40 3.47
CA ALA A 94 -3.64 23.59 2.70
C ALA A 94 -3.21 23.26 1.27
N ARG A 95 -2.57 22.10 1.08
CA ARG A 95 -2.11 21.74 -0.26
CA ARG A 95 -2.03 21.64 -0.20
C ARG A 95 -2.95 20.63 -0.90
N ASN A 96 -4.21 20.53 -0.48
CA ASN A 96 -5.09 19.47 -0.94
C ASN A 96 -5.26 19.45 -2.46
N THR A 97 -5.17 20.62 -3.12
CA THR A 97 -5.40 20.68 -4.55
C THR A 97 -4.38 19.90 -5.37
N ILE A 98 -3.28 19.44 -4.78
CA ILE A 98 -2.34 18.67 -5.59
C ILE A 98 -2.81 17.24 -5.80
N ILE A 99 -3.86 16.81 -5.11
CA ILE A 99 -4.43 15.48 -5.31
C ILE A 99 -5.33 15.57 -6.53
N ARG A 100 -4.93 14.91 -7.61
CA ARG A 100 -5.70 14.93 -8.85
C ARG A 100 -6.34 13.56 -9.11
N GLU A 101 -7.06 13.45 -10.23
N GLU A 101 -7.06 13.45 -10.22
CA GLU A 101 -7.87 12.27 -10.45
CA GLU A 101 -7.88 12.25 -10.42
C GLU A 101 -7.03 11.01 -10.61
C GLU A 101 -7.03 11.00 -10.60
N LYS A 102 -5.86 11.11 -11.24
CA LYS A 102 -5.06 9.93 -11.54
C LYS A 102 -3.70 9.91 -10.86
N ARG A 103 -3.32 10.98 -10.18
CA ARG A 103 -2.01 11.04 -9.54
C ARG A 103 -1.88 12.28 -8.68
N ILE A 104 -0.75 12.42 -8.01
CA ILE A 104 -0.42 13.63 -7.26
C ILE A 104 0.41 14.53 -8.17
N GLU A 105 0.05 15.80 -8.24
CA GLU A 105 0.79 16.72 -9.08
C GLU A 105 1.37 17.80 -8.17
N GLY A 106 2.63 17.60 -7.79
CA GLY A 106 3.35 18.48 -6.90
C GLY A 106 3.89 17.72 -5.70
N ALA A 107 4.74 18.40 -4.95
CA ALA A 107 5.42 17.70 -3.87
C ALA A 107 4.49 17.56 -2.66
N PRO A 108 4.40 16.37 -2.06
CA PRO A 108 3.73 16.24 -0.76
C PRO A 108 4.48 17.00 0.32
N ASP A 109 3.77 17.33 1.40
CA ASP A 109 4.41 18.00 2.55
C ASP A 109 5.44 17.11 3.23
N TRP A 110 5.23 15.79 3.19
CA TRP A 110 5.91 14.86 4.10
C TRP A 110 5.99 13.52 3.38
N ILE A 111 7.14 12.86 3.43
CA ILE A 111 7.32 11.57 2.75
C ILE A 111 8.12 10.63 3.63
N ALA A 112 7.76 9.34 3.61
CA ALA A 112 8.62 8.30 4.15
C ALA A 112 8.91 7.30 3.05
N GLU A 113 10.16 6.82 2.97
CA GLU A 113 10.51 5.73 2.08
C GLU A 113 10.99 4.57 2.94
N ILE A 114 10.53 3.35 2.63
CA ILE A 114 10.98 2.14 3.30
C ILE A 114 11.97 1.46 2.38
N LEU A 115 13.20 1.28 2.86
CA LEU A 115 14.25 0.74 2.00
C LEU A 115 14.04 -0.73 1.64
N SER A 116 14.51 -1.08 0.44
CA SER A 116 14.69 -2.46 0.01
CA SER A 116 14.70 -2.47 0.03
C SER A 116 16.17 -2.68 -0.27
N GLU A 117 16.68 -3.85 0.14
CA GLU A 117 18.11 -4.14 0.06
C GLU A 117 18.65 -3.97 -1.35
N GLY A 118 17.88 -4.39 -2.36
CA GLY A 118 18.39 -4.35 -3.71
C GLY A 118 18.11 -3.07 -4.47
N ASN A 119 17.51 -2.08 -3.83
CA ASN A 119 17.04 -0.89 -4.53
C ASN A 119 17.02 0.28 -3.55
N ALA A 120 18.09 0.48 -2.78
CA ALA A 120 18.07 1.53 -1.77
C ALA A 120 18.74 2.81 -2.23
N TYR A 121 19.61 2.73 -3.26
CA TYR A 121 20.36 3.92 -3.66
C TYR A 121 19.44 5.11 -3.95
N HIS A 122 18.35 4.89 -4.67
CA HIS A 122 17.49 6.02 -5.05
C HIS A 122 16.83 6.65 -3.83
N ASP A 123 16.44 5.85 -2.84
CA ASP A 123 15.87 6.43 -1.63
C ASP A 123 16.91 7.23 -0.85
N LEU A 124 18.14 6.70 -0.77
CA LEU A 124 19.17 7.30 0.09
C LEU A 124 19.82 8.52 -0.55
N LYS A 125 19.88 8.58 -1.88
CA LYS A 125 20.63 9.64 -2.57
C LYS A 125 19.74 10.38 -3.54
N THR A 126 19.33 9.74 -4.65
CA THR A 126 18.64 10.45 -5.74
C THR A 126 17.35 11.13 -5.27
N LYS A 127 16.47 10.39 -4.62
CA LYS A 127 15.21 11.00 -4.20
C LYS A 127 15.38 11.89 -2.99
N LYS A 128 16.40 11.65 -2.18
CA LYS A 128 16.67 12.58 -1.09
C LYS A 128 16.93 13.98 -1.66
N ARG A 129 17.78 14.06 -2.69
CA ARG A 129 18.05 15.34 -3.35
CA ARG A 129 18.04 15.35 -3.31
C ARG A 129 16.78 15.90 -4.00
N LEU A 130 16.03 15.03 -4.67
CA LEU A 130 14.83 15.48 -5.36
C LEU A 130 13.80 16.03 -4.39
N TYR A 131 13.55 15.31 -3.30
CA TYR A 131 12.59 15.77 -2.30
C TYR A 131 13.05 17.09 -1.67
N GLU A 132 14.36 17.22 -1.43
CA GLU A 132 14.91 18.48 -0.94
C GLU A 132 14.62 19.60 -1.92
N LYS A 133 14.97 19.39 -3.19
CA LYS A 133 14.82 20.42 -4.20
C LYS A 133 13.38 20.91 -4.28
N HIS A 134 12.42 19.98 -4.23
CA HIS A 134 11.02 20.33 -4.44
C HIS A 134 10.29 20.72 -3.16
N GLY A 135 11.00 20.89 -2.05
CA GLY A 135 10.44 21.50 -0.88
C GLY A 135 9.66 20.59 0.04
N VAL A 136 9.81 19.27 -0.09
CA VAL A 136 9.26 18.36 0.91
C VAL A 136 9.83 18.75 2.28
N ALA A 137 8.95 18.98 3.26
CA ALA A 137 9.40 19.58 4.52
C ALA A 137 10.11 18.59 5.42
N GLU A 138 9.70 17.34 5.38
CA GLU A 138 10.23 16.31 6.26
C GLU A 138 10.28 15.01 5.47
N TYR A 139 11.39 14.28 5.62
CA TYR A 139 11.61 13.06 4.86
C TYR A 139 12.14 11.99 5.80
N TRP A 140 11.37 10.91 5.99
CA TRP A 140 11.78 9.79 6.84
C TRP A 140 12.30 8.67 5.95
N ILE A 141 13.45 8.12 6.30
CA ILE A 141 13.97 6.93 5.63
C ILE A 141 14.00 5.81 6.64
N VAL A 142 13.20 4.78 6.40
CA VAL A 142 13.05 3.65 7.32
C VAL A 142 13.80 2.48 6.71
N ASP A 143 14.73 1.89 7.48
CA ASP A 143 15.54 0.77 7.00
C ASP A 143 15.12 -0.50 7.73
N PRO A 144 14.36 -1.40 7.09
CA PRO A 144 13.93 -2.62 7.80
C PRO A 144 15.04 -3.62 7.98
N MET A 145 16.15 -3.50 7.24
CA MET A 145 17.27 -4.43 7.39
C MET A 145 18.08 -4.10 8.63
N GLU A 146 18.42 -2.82 8.82
CA GLU A 146 19.04 -2.37 10.07
C GLU A 146 18.04 -2.04 11.16
N ARG A 147 16.74 -2.02 10.85
CA ARG A 147 15.68 -1.70 11.81
C ARG A 147 15.92 -0.32 12.43
N SER A 148 16.06 0.67 11.56
CA SER A 148 16.46 2.01 11.96
C SER A 148 15.69 3.03 11.15
N VAL A 149 15.74 4.28 11.60
CA VAL A 149 15.09 5.38 10.90
CA VAL A 149 15.10 5.36 10.87
C VAL A 149 16.04 6.57 10.87
N GLU A 150 15.94 7.36 9.81
CA GLU A 150 16.63 8.63 9.70
C GLU A 150 15.57 9.63 9.29
N ILE A 151 15.58 10.80 9.93
CA ILE A 151 14.60 11.85 9.65
C ILE A 151 15.37 13.09 9.20
N TYR A 152 14.97 13.65 8.07
CA TYR A 152 15.54 14.89 7.54
C TYR A 152 14.49 15.99 7.54
N GLN A 153 14.91 17.18 7.95
CA GLN A 153 14.05 18.35 7.96
CA GLN A 153 14.07 18.37 7.97
C GLN A 153 14.58 19.33 6.92
N ASN A 154 13.66 19.87 6.10
CA ASN A 154 14.09 20.84 5.08
C ASN A 154 14.19 22.23 5.70
N GLY A 155 14.77 23.14 4.94
CA GLY A 155 15.00 24.48 5.45
C GLY A 155 15.79 25.25 4.42
N ASN A 156 16.23 26.45 4.82
CA ASN A 156 16.87 27.37 3.89
C ASN A 156 18.19 26.84 3.33
N SER A 157 18.79 25.83 3.96
CA SER A 157 20.01 25.21 3.45
CA SER A 157 20.01 25.21 3.45
C SER A 157 19.79 23.73 3.14
N GLY A 158 18.58 23.36 2.71
CA GLY A 158 18.28 21.98 2.37
C GLY A 158 18.08 21.11 3.60
N PHE A 159 18.12 19.80 3.36
CA PHE A 159 17.87 18.82 4.41
C PHE A 159 19.01 18.81 5.42
N THR A 160 18.65 18.79 6.71
CA THR A 160 19.59 18.49 7.78
C THR A 160 19.02 17.32 8.58
N LEU A 161 19.91 16.58 9.23
CA LEU A 161 19.49 15.35 9.90
C LEU A 161 18.83 15.72 11.20
N LEU A 162 17.56 15.37 11.34
CA LEU A 162 16.83 15.66 12.56
C LEU A 162 17.01 14.57 13.60
N ALA A 163 17.05 13.31 13.17
CA ALA A 163 17.18 12.19 14.10
C ALA A 163 17.69 10.98 13.33
N SER A 164 18.42 10.12 14.02
CA SER A 164 18.85 8.85 13.46
C SER A 164 18.90 7.84 14.59
N ALA A 165 18.07 6.80 14.54
CA ALA A 165 17.94 5.91 15.70
C ALA A 165 17.42 4.54 15.30
N ASP A 166 17.76 3.56 16.13
CA ASP A 166 17.17 2.23 16.04
C ASP A 166 16.51 1.81 17.35
N SER A 167 16.23 2.77 18.23
CA SER A 167 15.66 2.47 19.53
C SER A 167 14.97 3.72 20.06
N GLY A 168 14.14 3.53 21.08
CA GLY A 168 13.49 4.68 21.67
C GLY A 168 12.46 5.30 20.73
N THR A 169 12.26 6.61 20.89
CA THR A 169 11.18 7.30 20.19
C THR A 169 11.74 8.42 19.34
N VAL A 170 11.19 8.61 18.14
CA VAL A 170 11.53 9.75 17.30
C VAL A 170 10.27 10.58 17.12
N VAL A 171 10.45 11.89 17.05
CA VAL A 171 9.35 12.84 17.00
CA VAL A 171 9.35 12.85 17.01
C VAL A 171 9.42 13.62 15.69
N SER A 172 8.27 13.87 15.09
CA SER A 172 8.22 14.73 13.92
C SER A 172 8.37 16.17 14.34
N LYS A 173 9.01 16.96 13.48
CA LYS A 173 9.03 18.40 13.71
C LYS A 173 7.83 19.08 13.06
N MET A 174 7.53 18.74 11.81
CA MET A 174 6.45 19.45 11.15
C MET A 174 5.09 18.94 11.56
N LEU A 175 4.98 17.66 11.96
CA LEU A 175 3.73 17.12 12.51
C LEU A 175 3.84 17.23 14.02
N ASP A 176 3.48 18.39 14.55
CA ASP A 176 3.66 18.67 15.97
C ASP A 176 2.83 17.71 16.81
N GLY A 177 3.52 16.92 17.62
CA GLY A 177 2.88 15.93 18.46
C GLY A 177 3.02 14.51 17.98
N PHE A 178 3.36 14.31 16.71
CA PHE A 178 3.51 12.94 16.22
C PHE A 178 4.82 12.35 16.72
N SER A 179 4.73 11.22 17.40
CA SER A 179 5.95 10.51 17.76
C SER A 179 5.78 9.04 17.40
N LEU A 180 6.89 8.36 17.24
CA LEU A 180 6.90 6.98 16.80
C LEU A 180 7.92 6.21 17.60
N GLU A 181 7.47 5.11 18.23
CA GLU A 181 8.35 4.15 18.88
C GLU A 181 8.97 3.25 17.81
N ILE A 182 10.26 3.43 17.55
CA ILE A 182 10.84 2.94 16.30
C ILE A 182 10.73 1.43 16.19
N GLN A 183 11.03 0.71 17.27
CA GLN A 183 11.08 -0.75 17.16
C GLN A 183 9.71 -1.36 16.87
N THR A 184 8.60 -0.62 17.06
CA THR A 184 7.29 -1.18 16.76
C THR A 184 7.01 -1.26 15.27
N LEU A 185 7.82 -0.61 14.42
CA LEU A 185 7.68 -0.77 12.98
C LEU A 185 8.07 -2.16 12.50
N PHE A 186 8.89 -2.88 13.27
CA PHE A 186 9.53 -4.09 12.75
C PHE A 186 9.10 -5.37 13.47
N THR A 187 8.29 -5.27 14.51
CA THR A 187 7.89 -6.44 15.29
C THR A 187 6.86 -7.30 14.56
N LYS A 188 6.84 -8.60 14.91
CA LYS A 188 5.94 -9.59 14.33
C LYS A 188 5.31 -10.43 15.45
N PRO A 189 4.25 -11.22 15.17
CA PRO A 189 3.74 -12.16 16.17
C PRO A 189 4.77 -13.19 16.63
N ASP B 13 -2.01 -24.68 -22.99
CA ASP B 13 -0.74 -24.15 -22.54
C ASP B 13 -0.92 -23.18 -21.36
N LEU B 14 -1.13 -23.74 -20.17
CA LEU B 14 -1.37 -22.93 -18.98
C LEU B 14 -0.07 -22.37 -18.43
N LYS B 15 -0.11 -21.11 -18.02
CA LYS B 15 1.00 -20.52 -17.30
C LYS B 15 0.98 -21.00 -15.86
N THR B 16 2.16 -21.13 -15.28
CA THR B 16 2.30 -21.61 -13.92
C THR B 16 2.95 -20.53 -13.07
N ASP B 17 3.04 -20.79 -11.76
N ASP B 17 3.01 -20.81 -11.76
CA ASP B 17 3.72 -19.82 -10.91
CA ASP B 17 3.73 -19.91 -10.86
C ASP B 17 5.20 -19.73 -11.26
C ASP B 17 5.17 -19.71 -11.32
N LYS B 18 5.75 -20.71 -11.97
CA LYS B 18 7.10 -20.58 -12.49
C LYS B 18 7.17 -19.52 -13.57
N ASP B 19 6.22 -19.54 -14.51
CA ASP B 19 6.13 -18.48 -15.50
C ASP B 19 5.89 -17.12 -14.82
N PHE B 20 4.98 -17.09 -13.85
CA PHE B 20 4.71 -15.84 -13.12
C PHE B 20 5.99 -15.29 -12.50
N ALA B 21 6.79 -16.15 -11.88
CA ALA B 21 8.02 -15.67 -11.24
C ALA B 21 9.02 -15.11 -12.24
N GLU B 22 8.92 -15.47 -13.51
CA GLU B 22 9.87 -15.03 -14.52
C GLU B 22 9.41 -13.81 -15.30
N LEU B 23 8.32 -13.17 -14.89
CA LEU B 23 7.94 -11.92 -15.51
C LEU B 23 9.02 -10.86 -15.23
N PRO B 24 9.26 -9.96 -16.18
CA PRO B 24 10.34 -8.98 -15.99
C PRO B 24 10.10 -8.08 -14.79
N GLU B 25 11.19 -7.66 -14.16
CA GLU B 25 11.10 -6.77 -13.01
C GLU B 25 10.23 -5.56 -13.34
N GLY B 26 9.49 -5.08 -12.35
CA GLY B 26 8.60 -3.97 -12.55
C GLY B 26 7.22 -4.35 -13.04
N THR B 27 6.99 -5.63 -13.31
CA THR B 27 5.68 -6.09 -13.77
C THR B 27 4.83 -6.45 -12.57
N LEU B 28 3.67 -5.82 -12.46
CA LEU B 28 2.68 -6.21 -11.47
C LEU B 28 1.53 -6.89 -12.19
N ALA B 29 1.34 -8.17 -11.90
CA ALA B 29 0.38 -8.98 -12.64
C ALA B 29 -0.19 -10.01 -11.68
N GLU B 30 -1.25 -10.67 -12.14
CA GLU B 30 -1.80 -11.80 -11.42
C GLU B 30 -1.90 -13.00 -12.35
N LEU B 31 -1.77 -14.18 -11.76
CA LEU B 31 -1.92 -15.44 -12.46
C LEU B 31 -3.25 -16.04 -12.00
N LEU B 32 -4.21 -16.15 -12.92
CA LEU B 32 -5.55 -16.61 -12.56
C LEU B 32 -5.94 -17.73 -13.50
N ASP B 33 -6.28 -18.89 -12.93
CA ASP B 33 -6.62 -20.06 -13.74
C ASP B 33 -5.57 -20.35 -14.80
N GLY B 34 -4.31 -20.04 -14.50
CA GLY B 34 -3.24 -20.33 -15.44
C GLY B 34 -3.11 -19.36 -16.60
N GLU B 35 -3.63 -18.15 -16.45
CA GLU B 35 -3.45 -17.09 -17.43
C GLU B 35 -2.94 -15.86 -16.72
N ILE B 36 -1.99 -15.15 -17.32
CA ILE B 36 -1.37 -13.98 -16.68
C ILE B 36 -2.07 -12.71 -17.16
N PHE B 37 -2.58 -11.92 -16.22
CA PHE B 37 -3.24 -10.65 -16.48
C PHE B 37 -2.43 -9.53 -15.85
N MET B 38 -2.12 -8.51 -16.64
CA MET B 38 -1.55 -7.31 -16.06
C MET B 38 -2.64 -6.58 -15.27
N VAL B 39 -2.24 -5.99 -14.15
CA VAL B 39 -3.17 -5.23 -13.32
C VAL B 39 -2.90 -3.75 -13.58
N PRO B 40 -3.91 -2.97 -13.99
CA PRO B 40 -3.67 -1.55 -14.23
C PRO B 40 -3.33 -0.84 -12.93
N ALA B 41 -2.54 0.23 -13.04
CA ALA B 41 -2.15 0.96 -11.85
C ALA B 41 -3.38 1.57 -11.17
N PRO B 42 -3.43 1.60 -9.85
CA PRO B 42 -4.60 2.16 -9.17
C PRO B 42 -4.57 3.68 -9.18
N ILE B 43 -5.74 4.27 -8.98
CA ILE B 43 -5.86 5.72 -8.94
C ILE B 43 -5.92 6.16 -7.47
N PRO B 44 -5.70 7.44 -7.17
CA PRO B 44 -5.66 7.87 -5.76
C PRO B 44 -6.89 7.52 -4.95
N GLU B 45 -8.11 7.58 -5.53
CA GLU B 45 -9.29 7.22 -4.76
C GLU B 45 -9.25 5.77 -4.31
N HIS B 46 -8.76 4.88 -5.17
CA HIS B 46 -8.60 3.48 -4.77
C HIS B 46 -7.67 3.38 -3.57
N GLN B 47 -6.53 4.07 -3.64
CA GLN B 47 -5.55 4.04 -2.54
C GLN B 47 -6.12 4.67 -1.28
N ARG B 48 -6.95 5.70 -1.42
CA ARG B 48 -7.56 6.31 -0.24
C ARG B 48 -8.46 5.32 0.47
N VAL B 49 -9.25 4.56 -0.29
CA VAL B 49 -10.16 3.59 0.33
C VAL B 49 -9.36 2.52 1.06
N ILE B 50 -8.28 2.03 0.43
CA ILE B 50 -7.44 1.03 1.11
C ILE B 50 -6.81 1.60 2.37
N ARG B 51 -6.35 2.86 2.30
CA ARG B 51 -5.79 3.49 3.50
C ARG B 51 -6.82 3.52 4.63
N LYS B 52 -8.04 3.94 4.32
CA LYS B 52 -9.07 4.02 5.35
C LYS B 52 -9.37 2.62 5.92
N PHE B 53 -9.55 1.64 5.04
CA PHE B 53 -9.87 0.28 5.50
C PHE B 53 -8.72 -0.32 6.27
N SER B 54 -7.49 -0.14 5.76
CA SER B 54 -6.33 -0.70 6.44
C SER B 54 -6.21 -0.13 7.84
N ASN B 55 -6.40 1.19 7.99
CA ASN B 55 -6.29 1.83 9.29
C ASN B 55 -7.28 1.22 10.27
N ALA B 56 -8.54 1.07 9.84
CA ALA B 56 -9.57 0.52 10.71
C ALA B 56 -9.25 -0.92 11.10
N LEU B 57 -8.94 -1.73 10.10
CA LEU B 57 -8.65 -3.14 10.33
C LEU B 57 -7.39 -3.33 11.17
N SER B 58 -6.30 -2.63 10.82
CA SER B 58 -5.04 -2.78 11.55
C SER B 58 -5.19 -2.36 13.01
N THR B 59 -5.93 -1.28 13.26
CA THR B 59 -6.17 -0.85 14.63
C THR B 59 -6.84 -1.95 15.44
N PHE B 60 -7.82 -2.63 14.82
CA PHE B 60 -8.56 -3.68 15.51
C PHE B 60 -7.70 -4.93 15.71
N VAL B 61 -6.96 -5.33 14.66
CA VAL B 61 -6.09 -6.51 14.76
C VAL B 61 -5.00 -6.30 15.80
N GLU B 62 -4.39 -5.11 15.83
CA GLU B 62 -3.34 -4.86 16.80
C GLU B 62 -3.89 -4.83 18.22
N LYS B 63 -5.00 -4.12 18.40
CA LYS B 63 -5.64 -4.04 19.71
C LYS B 63 -5.91 -5.42 20.27
N ASN B 64 -6.29 -6.35 19.42
CA ASN B 64 -6.65 -7.69 19.88
C ASN B 64 -5.58 -8.73 19.59
N LYS B 65 -4.41 -8.31 19.10
CA LYS B 65 -3.25 -9.20 18.92
C LYS B 65 -3.65 -10.44 18.11
N LEU B 66 -4.34 -10.21 17.00
CA LEU B 66 -4.98 -11.27 16.23
C LEU B 66 -4.11 -11.84 15.12
N GLY B 67 -3.17 -11.06 14.60
CA GLY B 67 -2.36 -11.53 13.48
C GLY B 67 -1.79 -10.35 12.71
N GLU B 68 -1.63 -10.53 11.40
CA GLU B 68 -0.96 -9.55 10.55
C GLU B 68 -1.86 -9.11 9.42
N VAL B 69 -1.75 -7.82 9.08
CA VAL B 69 -2.44 -7.19 7.96
C VAL B 69 -1.38 -6.75 6.95
N PHE B 70 -1.68 -6.96 5.67
CA PHE B 70 -0.84 -6.50 4.57
C PHE B 70 -1.75 -5.90 3.51
N PHE B 71 -1.23 -4.93 2.77
CA PHE B 71 -1.94 -4.49 1.57
C PHE B 71 -1.01 -4.58 0.36
N SER B 72 -1.62 -4.40 -0.81
CA SER B 72 -0.94 -4.54 -2.08
CA SER B 72 -0.92 -4.55 -2.07
C SER B 72 0.18 -3.50 -2.21
N PRO B 73 1.24 -3.79 -2.99
CA PRO B 73 1.52 -5.04 -3.70
C PRO B 73 2.08 -6.15 -2.81
N ILE B 74 1.46 -7.33 -2.86
CA ILE B 74 2.03 -8.50 -2.18
C ILE B 74 1.53 -9.74 -2.91
N ASP B 75 2.45 -10.64 -3.23
CA ASP B 75 2.09 -11.86 -3.94
C ASP B 75 1.49 -12.87 -2.98
N VAL B 76 0.35 -13.44 -3.35
CA VAL B 76 -0.29 -14.47 -2.55
C VAL B 76 -0.42 -15.72 -3.44
N TYR B 77 0.45 -16.70 -3.21
CA TYR B 77 0.41 -17.96 -3.94
C TYR B 77 -0.72 -18.83 -3.39
N LEU B 78 -1.60 -19.29 -4.28
CA LEU B 78 -2.68 -20.21 -3.92
C LEU B 78 -2.45 -21.63 -4.42
N ASP B 79 -2.16 -21.79 -5.71
CA ASP B 79 -1.65 -23.06 -6.21
C ASP B 79 -0.81 -22.79 -7.46
N GLU B 80 -0.36 -23.85 -8.12
CA GLU B 80 0.59 -23.63 -9.21
C GLU B 80 0.00 -22.84 -10.37
N HIS B 81 -1.32 -22.67 -10.44
CA HIS B 81 -1.93 -21.91 -11.52
C HIS B 81 -2.57 -20.61 -11.05
N ASN B 82 -2.39 -20.23 -9.79
CA ASN B 82 -3.09 -19.07 -9.24
C ASN B 82 -2.20 -18.34 -8.24
N VAL B 83 -1.83 -17.11 -8.60
CA VAL B 83 -1.09 -16.22 -7.72
C VAL B 83 -1.76 -14.85 -7.84
N VAL B 84 -2.28 -14.34 -6.71
CA VAL B 84 -3.06 -13.11 -6.73
C VAL B 84 -2.36 -12.00 -5.96
N GLN B 85 -2.79 -10.76 -6.19
CA GLN B 85 -2.31 -9.61 -5.44
C GLN B 85 -3.51 -8.89 -4.85
N PRO B 86 -4.04 -9.40 -3.74
CA PRO B 86 -5.26 -8.82 -3.17
C PRO B 86 -4.99 -7.47 -2.56
N ASP B 87 -6.03 -6.62 -2.49
CA ASP B 87 -5.81 -5.28 -1.96
C ASP B 87 -5.50 -5.26 -0.47
N LEU B 88 -6.22 -6.05 0.32
CA LEU B 88 -6.06 -6.02 1.77
C LEU B 88 -6.26 -7.42 2.31
N ILE B 89 -5.35 -7.89 3.15
CA ILE B 89 -5.45 -9.26 3.65
C ILE B 89 -5.19 -9.26 5.15
N PHE B 90 -5.75 -10.25 5.83
CA PHE B 90 -5.44 -10.48 7.24
C PHE B 90 -5.07 -11.95 7.39
N ILE B 91 -3.97 -12.22 8.10
CA ILE B 91 -3.49 -13.56 8.35
C ILE B 91 -3.47 -13.76 9.86
N SER B 92 -4.26 -14.72 10.33
CA SER B 92 -4.34 -14.97 11.76
C SER B 92 -3.02 -15.56 12.27
N LYS B 93 -2.79 -15.40 13.57
CA LYS B 93 -1.67 -16.11 14.19
C LYS B 93 -1.71 -17.61 13.89
N ALA B 94 -2.92 -18.18 13.81
CA ALA B 94 -3.06 -19.61 13.53
C ALA B 94 -2.46 -19.99 12.18
N ARG B 95 -2.58 -19.12 11.18
CA ARG B 95 -2.03 -19.36 9.85
CA ARG B 95 -2.02 -19.37 9.85
C ARG B 95 -0.70 -18.63 9.63
N ASN B 96 -0.03 -18.22 10.71
CA ASN B 96 1.15 -17.36 10.61
C ASN B 96 2.23 -17.89 9.68
N THR B 97 2.33 -19.21 9.50
CA THR B 97 3.44 -19.78 8.75
C THR B 97 3.34 -19.53 7.25
N ILE B 98 2.19 -19.06 6.74
CA ILE B 98 2.09 -18.77 5.31
C ILE B 98 2.83 -17.51 4.92
N ILE B 99 3.31 -16.73 5.89
CA ILE B 99 4.10 -15.53 5.59
C ILE B 99 5.53 -15.97 5.36
N ARG B 100 5.97 -15.90 4.11
CA ARG B 100 7.32 -16.30 3.72
C ARG B 100 8.17 -15.06 3.45
N GLU B 101 9.42 -15.29 3.06
CA GLU B 101 10.35 -14.17 2.93
CA GLU B 101 10.35 -14.17 2.91
C GLU B 101 9.97 -13.27 1.75
N LYS B 102 9.49 -13.85 0.65
CA LYS B 102 9.20 -13.08 -0.54
C LYS B 102 7.73 -13.01 -0.91
N ARG B 103 6.86 -13.76 -0.25
CA ARG B 103 5.45 -13.77 -0.62
C ARG B 103 4.67 -14.50 0.46
N ILE B 104 3.36 -14.52 0.26
CA ILE B 104 2.44 -15.34 1.03
C ILE B 104 2.25 -16.63 0.26
N GLU B 105 2.41 -17.76 0.94
CA GLU B 105 2.18 -19.09 0.36
C GLU B 105 0.99 -19.73 1.05
N GLY B 106 -0.17 -19.63 0.44
CA GLY B 106 -1.41 -20.09 1.03
C GLY B 106 -2.40 -18.96 1.21
N ALA B 107 -3.64 -19.34 1.49
CA ALA B 107 -4.74 -18.38 1.50
C ALA B 107 -4.80 -17.62 2.82
N PRO B 108 -4.86 -16.28 2.78
CA PRO B 108 -5.20 -15.53 4.00
C PRO B 108 -6.54 -15.95 4.58
N ASP B 109 -6.73 -15.70 5.89
CA ASP B 109 -8.03 -15.92 6.51
C ASP B 109 -9.08 -14.98 5.96
N TRP B 110 -8.66 -13.80 5.51
CA TRP B 110 -9.57 -12.67 5.34
C TRP B 110 -9.02 -11.80 4.22
N ILE B 111 -9.86 -11.38 3.28
CA ILE B 111 -9.42 -10.57 2.14
C ILE B 111 -10.47 -9.52 1.86
N ALA B 112 -10.02 -8.30 1.52
CA ALA B 112 -10.89 -7.30 0.91
C ALA B 112 -10.29 -6.91 -0.43
N GLU B 113 -11.14 -6.81 -1.46
CA GLU B 113 -10.75 -6.27 -2.75
C GLU B 113 -11.53 -4.98 -2.98
N ILE B 114 -10.83 -3.94 -3.43
CA ILE B 114 -11.44 -2.66 -3.76
C ILE B 114 -11.58 -2.60 -5.28
N LEU B 115 -12.81 -2.53 -5.78
CA LEU B 115 -13.05 -2.57 -7.22
C LEU B 115 -12.47 -1.37 -7.94
N SER B 116 -12.04 -1.60 -9.19
CA SER B 116 -11.77 -0.58 -10.18
C SER B 116 -12.73 -0.79 -11.34
N GLU B 117 -13.21 0.31 -11.91
CA GLU B 117 -14.26 0.24 -12.93
C GLU B 117 -13.83 -0.60 -14.13
N GLY B 118 -12.61 -0.43 -14.59
CA GLY B 118 -12.19 -1.12 -15.80
C GLY B 118 -11.73 -2.54 -15.61
N ASN B 119 -11.71 -3.02 -14.37
CA ASN B 119 -11.04 -4.26 -14.04
C ASN B 119 -11.77 -4.96 -12.88
N ALA B 120 -13.09 -4.91 -12.86
CA ALA B 120 -13.82 -5.43 -11.71
C ALA B 120 -14.17 -6.91 -11.84
N TYR B 121 -14.20 -7.45 -13.06
CA TYR B 121 -14.71 -8.82 -13.25
C TYR B 121 -13.94 -9.82 -12.40
N HIS B 122 -12.61 -9.70 -12.36
CA HIS B 122 -11.86 -10.71 -11.63
C HIS B 122 -12.12 -10.67 -10.13
N ASP B 123 -12.36 -9.48 -9.57
CA ASP B 123 -12.72 -9.44 -8.15
C ASP B 123 -14.11 -9.99 -7.91
N LEU B 124 -15.07 -9.66 -8.78
CA LEU B 124 -16.47 -10.04 -8.54
C LEU B 124 -16.71 -11.52 -8.80
N LYS B 125 -15.98 -12.12 -9.72
CA LYS B 125 -16.28 -13.49 -10.15
C LYS B 125 -15.07 -14.43 -10.01
N THR B 126 -14.03 -14.19 -10.80
CA THR B 126 -12.90 -15.13 -10.87
C THR B 126 -12.28 -15.34 -9.50
N LYS B 127 -11.93 -14.25 -8.82
CA LYS B 127 -11.28 -14.37 -7.52
C LYS B 127 -12.26 -14.77 -6.43
N LYS B 128 -13.53 -14.41 -6.58
CA LYS B 128 -14.52 -14.90 -5.64
C LYS B 128 -14.53 -16.43 -5.63
N ARG B 129 -14.48 -17.05 -6.81
CA ARG B 129 -14.43 -18.52 -6.87
C ARG B 129 -13.10 -19.06 -6.31
N LEU B 130 -11.98 -18.42 -6.61
CA LEU B 130 -10.70 -18.89 -6.10
C LEU B 130 -10.60 -18.75 -4.59
N TYR B 131 -11.03 -17.60 -4.04
CA TYR B 131 -10.96 -17.39 -2.61
C TYR B 131 -11.88 -18.37 -1.89
N GLU B 132 -13.01 -18.69 -2.51
CA GLU B 132 -13.90 -19.70 -1.95
C GLU B 132 -13.19 -21.06 -1.91
N LYS B 133 -12.65 -21.49 -3.05
CA LYS B 133 -12.04 -22.81 -3.14
C LYS B 133 -10.90 -22.95 -2.15
N HIS B 134 -10.12 -21.90 -1.97
CA HIS B 134 -8.90 -21.99 -1.18
C HIS B 134 -9.10 -21.67 0.29
N GLY B 135 -10.34 -21.51 0.74
CA GLY B 135 -10.58 -21.44 2.16
C GLY B 135 -10.40 -20.07 2.77
N VAL B 136 -10.53 -18.99 2.00
CA VAL B 136 -10.61 -17.66 2.59
C VAL B 136 -11.91 -17.60 3.36
N ALA B 137 -11.84 -17.30 4.66
CA ALA B 137 -13.06 -17.44 5.48
C ALA B 137 -14.04 -16.29 5.28
N GLU B 138 -13.55 -15.12 4.89
CA GLU B 138 -14.39 -13.95 4.78
C GLU B 138 -13.80 -13.05 3.71
N TYR B 139 -14.65 -12.62 2.78
CA TYR B 139 -14.20 -11.88 1.61
C TYR B 139 -15.06 -10.63 1.49
N TRP B 140 -14.44 -9.46 1.55
CA TRP B 140 -15.17 -8.20 1.44
C TRP B 140 -14.93 -7.65 0.04
N ILE B 141 -15.99 -7.26 -0.65
CA ILE B 141 -15.82 -6.60 -1.94
C ILE B 141 -16.32 -5.18 -1.78
N VAL B 142 -15.40 -4.22 -1.91
CA VAL B 142 -15.71 -2.81 -1.69
C VAL B 142 -15.79 -2.11 -3.04
N ASP B 143 -16.91 -1.43 -3.32
CA ASP B 143 -17.12 -0.79 -4.61
C ASP B 143 -17.14 0.72 -4.39
N PRO B 144 -16.05 1.44 -4.70
CA PRO B 144 -16.04 2.89 -4.45
C PRO B 144 -16.84 3.69 -5.45
N MET B 145 -17.26 3.08 -6.56
CA MET B 145 -18.09 3.77 -7.54
C MET B 145 -19.55 3.79 -7.07
N GLU B 146 -20.06 2.64 -6.65
CA GLU B 146 -21.38 2.61 -6.06
CA GLU B 146 -21.37 2.52 -6.03
C GLU B 146 -21.37 2.92 -4.56
N ARG B 147 -20.19 2.99 -3.93
CA ARG B 147 -20.05 3.27 -2.51
C ARG B 147 -20.78 2.20 -1.69
N SER B 148 -20.46 0.95 -1.98
CA SER B 148 -21.15 -0.17 -1.35
C SER B 148 -20.15 -1.24 -0.95
N VAL B 149 -20.59 -2.16 -0.09
CA VAL B 149 -19.77 -3.28 0.33
CA VAL B 149 -19.76 -3.30 0.28
C VAL B 149 -20.61 -4.54 0.28
N GLU B 150 -19.99 -5.66 -0.11
CA GLU B 150 -20.57 -6.98 0.00
C GLU B 150 -19.61 -7.82 0.80
N ILE B 151 -20.13 -8.66 1.68
CA ILE B 151 -19.30 -9.51 2.53
C ILE B 151 -19.77 -10.95 2.34
N TYR B 152 -18.83 -11.85 2.07
CA TYR B 152 -19.11 -13.26 1.88
C TYR B 152 -18.47 -14.04 3.01
N GLN B 153 -19.21 -15.02 3.53
CA GLN B 153 -18.75 -15.92 4.56
C GLN B 153 -18.56 -17.29 3.93
N ASN B 154 -17.38 -17.91 4.10
CA ASN B 154 -17.18 -19.26 3.58
C ASN B 154 -17.87 -20.29 4.49
N GLY B 155 -17.97 -21.51 4.00
CA GLY B 155 -18.70 -22.55 4.72
C GLY B 155 -18.64 -23.83 3.92
N ASN B 156 -19.36 -24.84 4.43
CA ASN B 156 -19.23 -26.17 3.85
C ASN B 156 -19.78 -26.22 2.43
N SER B 157 -20.62 -25.26 2.05
CA SER B 157 -21.12 -25.19 0.69
C SER B 157 -20.57 -23.98 -0.06
N GLY B 158 -19.46 -23.44 0.40
CA GLY B 158 -18.87 -22.26 -0.24
C GLY B 158 -19.37 -20.96 0.35
N PHE B 159 -19.15 -19.88 -0.40
CA PHE B 159 -19.50 -18.54 0.07
C PHE B 159 -21.01 -18.36 0.15
N THR B 160 -21.49 -17.73 1.22
CA THR B 160 -22.82 -17.17 1.27
C THR B 160 -22.72 -15.68 1.58
N LEU B 161 -23.75 -14.95 1.18
CA LEU B 161 -23.73 -13.49 1.34
C LEU B 161 -24.03 -13.16 2.80
N LEU B 162 -23.03 -12.63 3.50
CA LEU B 162 -23.22 -12.20 4.88
C LEU B 162 -23.88 -10.83 4.95
N ALA B 163 -23.53 -9.93 4.04
CA ALA B 163 -24.08 -8.59 4.09
C ALA B 163 -23.86 -7.89 2.75
N SER B 164 -24.80 -7.02 2.41
CA SER B 164 -24.67 -6.16 1.25
C SER B 164 -25.27 -4.81 1.63
N ALA B 165 -24.46 -3.76 1.62
CA ALA B 165 -24.98 -2.50 2.12
C ALA B 165 -24.25 -1.33 1.48
N ASP B 166 -24.93 -0.18 1.46
CA ASP B 166 -24.27 1.06 1.10
C ASP B 166 -24.53 2.13 2.16
N SER B 167 -24.91 1.74 3.36
CA SER B 167 -25.14 2.67 4.44
C SER B 167 -25.07 1.88 5.74
N GLY B 168 -25.10 2.60 6.87
CA GLY B 168 -25.08 1.89 8.13
C GLY B 168 -23.71 1.29 8.42
N THR B 169 -23.73 0.27 9.26
CA THR B 169 -22.53 -0.39 9.73
C THR B 169 -22.63 -1.88 9.41
N VAL B 170 -21.53 -2.46 8.91
CA VAL B 170 -21.45 -3.90 8.68
C VAL B 170 -20.48 -4.49 9.69
N VAL B 171 -20.79 -5.72 10.10
CA VAL B 171 -20.12 -6.41 11.19
C VAL B 171 -19.43 -7.62 10.60
N SER B 172 -18.20 -7.86 11.00
CA SER B 172 -17.46 -9.02 10.54
C SER B 172 -17.91 -10.24 11.33
N LYS B 173 -17.95 -11.39 10.66
CA LYS B 173 -18.22 -12.62 11.37
C LYS B 173 -16.95 -13.18 11.99
N MET B 174 -15.87 -13.30 11.21
CA MET B 174 -14.69 -13.96 11.74
C MET B 174 -13.79 -13.05 12.57
N LEU B 175 -13.86 -11.73 12.37
CA LEU B 175 -13.15 -10.78 13.23
C LEU B 175 -14.14 -10.34 14.29
N ASP B 176 -14.18 -11.11 15.38
CA ASP B 176 -15.28 -10.98 16.33
C ASP B 176 -15.20 -9.62 17.00
N GLY B 177 -16.17 -8.77 16.72
CA GLY B 177 -16.19 -7.44 17.28
C GLY B 177 -15.74 -6.35 16.33
N PHE B 178 -15.29 -6.71 15.14
CA PHE B 178 -14.93 -5.71 14.16
C PHE B 178 -16.19 -5.27 13.42
N SER B 179 -16.42 -3.97 13.38
CA SER B 179 -17.51 -3.43 12.58
C SER B 179 -16.97 -2.21 11.84
N LEU B 180 -17.64 -1.85 10.76
CA LEU B 180 -17.19 -0.76 9.91
C LEU B 180 -18.41 0.04 9.45
N GLU B 181 -18.40 1.34 9.76
CA GLU B 181 -19.41 2.24 9.20
C GLU B 181 -19.07 2.48 7.74
N ILE B 182 -19.92 1.98 6.86
CA ILE B 182 -19.55 1.80 5.46
C ILE B 182 -19.15 3.12 4.81
N GLN B 183 -19.94 4.16 5.03
CA GLN B 183 -19.63 5.39 4.29
CA GLN B 183 -19.66 5.42 4.34
C GLN B 183 -18.33 6.05 4.78
N THR B 184 -17.72 5.56 5.85
CA THR B 184 -16.42 6.10 6.22
C THR B 184 -15.31 5.64 5.30
N LEU B 185 -15.58 4.69 4.42
CA LEU B 185 -14.57 4.29 3.43
C LEU B 185 -14.48 5.26 2.26
N PHE B 186 -15.49 6.11 2.06
CA PHE B 186 -15.71 6.74 0.77
C PHE B 186 -15.70 8.26 0.88
N THR B 187 -15.53 8.88 -0.28
CA THR B 187 -15.55 10.32 -0.45
C THR B 187 -16.91 10.75 -0.98
N LYS B 188 -17.45 11.82 -0.43
CA LYS B 188 -18.75 12.34 -0.87
C LYS B 188 -18.57 13.39 -1.97
#